data_3HXY
#
_entry.id   3HXY
#
_cell.length_a   44.355
_cell.length_b   108.745
_cell.length_c   118.985
_cell.angle_alpha   90.00
_cell.angle_beta   90.00
_cell.angle_gamma   90.00
#
_symmetry.space_group_name_H-M   'P 21 21 21'
#
loop_
_entity.id
_entity.type
_entity.pdbx_description
1 polymer 'Alanyl-tRNA synthetase'
2 non-polymer "5'-O-[(R)-{[(2S)-2-aminopropanoyl]oxy}(hydroxy)phosphoryl]adenosine"
3 non-polymer 'METHYLENEDIPHOSPHONIC ACID'
4 non-polymer 'PHOSPHOMETHYLPHOSPHONIC ACID ADENYLATE ESTER'
5 non-polymer 'MAGNESIUM ION'
6 non-polymer '2-HYDROXYETHYL DISULFIDE'
7 non-polymer BETA-MERCAPTOETHANOL
8 water water
#
_entity_poly.entity_id   1
_entity_poly.type   'polypeptide(L)'
_entity_poly.pdbx_seq_one_letter_code
;SKSTAEIRQAFLDFFHSKGHQVVASSSLVPHNDPTLLFTNAGMNQFKDVFLGLDKRNYSRATTSQRCVRAGGKHNDLENV
GYTARHHTFFEMLGNFSFGDYFKLDAILFAWLLLTSEKWFALPKERLWVTVYESDDEAYEIWEKEVGIPRERIIRIGDNK
GAPYASDNFWQMGDTGPCGPCTEIFYDHGDHIWGGPPGSPEEDGDRYIEIWNIVFMQFNRQADGTMEPLPKPSVDTGMGL
ERIAAVLQHVNSNYDIDLFRTLIQAVAKVTGATDLSNKSLRVIADHIRSCAFLIADGVMPSNENRGYVLRRIIRRAVRHG
NMLGAKETFFYKLVGPLIDVMGSAGEDLKRQQAQVEQVLKTEEEQFARTLERGLALLDEELAKLSGDTLDGETAFRLYDT
YGFPVDLTADVCRERNIKVDEAGFEAAMEEQRRRAREASGF
;
_entity_poly.pdbx_strand_id   A
#
loop_
_chem_comp.id
_chem_comp.type
_chem_comp.name
_chem_comp.formula
5AL non-polymer 5'-O-[(R)-{[(2S)-2-aminopropanoyl]oxy}(hydroxy)phosphoryl]adenosine 'C13 H19 N6 O8 P'
ACP non-polymer 'PHOSPHOMETHYLPHOSPHONIC ACID ADENYLATE ESTER' 'C11 H18 N5 O12 P3'
BME non-polymer BETA-MERCAPTOETHANOL 'C2 H6 O S'
HED non-polymer '2-HYDROXYETHYL DISULFIDE' 'C4 H10 O2 S2'
MDN non-polymer 'METHYLENEDIPHOSPHONIC ACID' 'C H6 O6 P2'
MG non-polymer 'MAGNESIUM ION' 'Mg 2'
#
# COMPACT_ATOMS: atom_id res chain seq x y z
N SER A 1 4.89 -16.14 -19.27
CA SER A 1 4.54 -16.83 -17.99
C SER A 1 3.09 -16.57 -17.61
N LYS A 2 2.82 -16.51 -16.31
CA LYS A 2 1.49 -16.22 -15.81
C LYS A 2 1.23 -14.72 -15.72
N SER A 3 0.02 -14.33 -16.13
CA SER A 3 -0.41 -12.95 -16.00
C SER A 3 -0.80 -12.68 -14.54
N THR A 4 -0.91 -11.42 -14.19
CA THR A 4 -1.31 -11.03 -12.84
C THR A 4 -2.67 -11.63 -12.46
N ALA A 5 -3.59 -11.62 -13.41
CA ALA A 5 -4.93 -12.19 -13.20
C ALA A 5 -4.88 -13.70 -12.95
N GLU A 6 -3.98 -14.39 -13.64
CA GLU A 6 -3.81 -15.82 -13.45
C GLU A 6 -3.18 -16.14 -12.10
N ILE A 7 -2.31 -15.26 -11.64
CA ILE A 7 -1.65 -15.41 -10.35
C ILE A 7 -2.64 -15.17 -9.22
N ARG A 8 -3.50 -14.17 -9.40
CA ARG A 8 -4.54 -13.87 -8.43
C ARG A 8 -5.51 -15.04 -8.29
N GLN A 9 -5.90 -15.61 -9.42
CA GLN A 9 -6.85 -16.73 -9.42
C GLN A 9 -6.21 -18.01 -8.89
N ALA A 10 -4.94 -18.23 -9.24
CA ALA A 10 -4.22 -19.40 -8.77
C ALA A 10 -4.13 -19.43 -7.25
N PHE A 11 -3.89 -18.26 -6.65
CA PHE A 11 -3.85 -18.13 -5.20
C PHE A 11 -5.19 -18.52 -4.58
N LEU A 12 -6.26 -17.97 -5.13
CA LEU A 12 -7.61 -18.26 -4.64
C LEU A 12 -7.98 -19.72 -4.86
N ASP A 13 -7.65 -20.24 -6.05
CA ASP A 13 -7.90 -21.64 -6.36
C ASP A 13 -7.15 -22.59 -5.44
N PHE A 14 -5.91 -22.23 -5.12
CA PHE A 14 -5.09 -23.04 -4.22
C PHE A 14 -5.79 -23.26 -2.90
N PHE A 15 -6.18 -22.16 -2.25
CA PHE A 15 -6.80 -22.24 -0.93
C PHE A 15 -8.25 -22.74 -0.99
N HIS A 16 -8.93 -22.48 -2.10
CA HIS A 16 -10.28 -23.00 -2.28
C HIS A 16 -10.25 -24.53 -2.34
N SER A 17 -9.21 -25.07 -2.96
CA SER A 17 -9.02 -26.52 -3.03
C SER A 17 -8.59 -27.06 -1.67
N LYS A 18 -8.12 -26.17 -0.79
CA LYS A 18 -7.74 -26.53 0.56
C LYS A 18 -8.87 -26.26 1.54
N GLY A 19 -10.11 -26.23 1.02
CA GLY A 19 -11.29 -26.07 1.86
C GLY A 19 -11.59 -24.66 2.32
N HIS A 20 -10.93 -23.68 1.70
CA HIS A 20 -11.15 -22.27 2.07
C HIS A 20 -12.34 -21.66 1.35
N GLN A 21 -13.14 -20.91 2.09
CA GLN A 21 -14.25 -20.15 1.53
C GLN A 21 -13.72 -18.93 0.78
N VAL A 22 -14.08 -18.80 -0.49
CA VAL A 22 -13.69 -17.62 -1.26
C VAL A 22 -14.62 -16.46 -0.93
N VAL A 23 -14.07 -15.44 -0.27
CA VAL A 23 -14.84 -14.27 0.11
C VAL A 23 -14.41 -13.07 -0.73
N ALA A 24 -15.38 -12.29 -1.19
CA ALA A 24 -15.11 -11.11 -2.00
C ALA A 24 -14.38 -10.04 -1.19
N SER A 25 -13.60 -9.22 -1.88
CA SER A 25 -12.92 -8.10 -1.25
C SER A 25 -13.92 -7.12 -0.67
N SER A 26 -13.60 -6.57 0.50
CA SER A 26 -14.43 -5.54 1.10
C SER A 26 -14.08 -4.19 0.47
N SER A 27 -14.89 -3.18 0.78
CA SER A 27 -14.67 -1.83 0.26
C SER A 27 -13.40 -1.21 0.83
N LEU A 28 -12.89 -0.18 0.16
CA LEU A 28 -11.75 0.58 0.65
C LEU A 28 -12.16 1.49 1.81
N VAL A 29 -13.47 1.70 1.93
CA VAL A 29 -14.03 2.51 3.01
C VAL A 29 -14.44 1.60 4.16
N PRO A 30 -13.83 1.79 5.31
CA PRO A 30 -14.11 0.97 6.50
C PRO A 30 -15.54 1.11 6.99
N HIS A 31 -16.09 0.02 7.52
CA HIS A 31 -17.47 0.03 7.95
C HIS A 31 -17.53 0.61 9.35
N ASN A 32 -17.89 1.89 9.41
CA ASN A 32 -18.21 2.61 10.63
C ASN A 32 -17.07 2.59 11.67
N ASP A 33 -15.85 2.77 11.16
CA ASP A 33 -14.67 2.94 11.99
C ASP A 33 -13.74 4.02 11.44
N PRO A 34 -14.03 5.31 11.58
CA PRO A 34 -12.96 6.24 11.31
C PRO A 34 -12.60 7.13 12.47
N THR A 35 -11.39 7.22 13.03
CA THR A 35 -10.31 6.24 12.94
C THR A 35 -9.94 5.92 11.53
N LEU A 36 -9.86 4.63 11.20
CA LEU A 36 -9.01 4.20 10.12
C LEU A 36 -9.43 4.97 8.91
N LEU A 37 -8.50 5.54 8.17
CA LEU A 37 -8.86 6.15 6.92
C LEU A 37 -9.32 5.21 5.80
N PHE A 38 -8.54 4.17 5.52
CA PHE A 38 -8.79 3.24 4.42
C PHE A 38 -8.47 1.80 4.77
N THR A 39 -9.17 0.87 4.14
CA THR A 39 -8.88 -0.52 4.30
C THR A 39 -7.45 -0.77 3.84
N ASN A 40 -6.66 -1.32 4.74
CA ASN A 40 -5.25 -1.41 4.44
C ASN A 40 -4.72 -2.83 4.51
N ALA A 41 -5.60 -3.75 4.91
CA ALA A 41 -5.26 -5.16 5.05
C ALA A 41 -6.46 -6.04 4.73
N GLY A 42 -6.19 -7.30 4.41
CA GLY A 42 -7.24 -8.26 4.08
C GLY A 42 -8.04 -8.72 5.28
N MET A 43 -7.45 -8.61 6.47
CA MET A 43 -8.09 -9.09 7.70
C MET A 43 -9.16 -8.13 8.21
N ASN A 44 -9.16 -6.91 7.71
CA ASN A 44 -10.07 -5.87 8.21
C ASN A 44 -11.54 -6.29 8.31
N GLN A 45 -12.05 -6.94 7.27
CA GLN A 45 -13.45 -7.37 7.25
C GLN A 45 -13.70 -8.59 8.13
N PHE A 46 -12.64 -9.20 8.64
CA PHE A 46 -12.76 -10.36 9.52
C PHE A 46 -12.35 -10.04 10.95
N LYS A 47 -12.15 -8.75 11.23
CA LYS A 47 -11.67 -8.30 12.54
C LYS A 47 -12.42 -8.93 13.71
N ASP A 48 -13.76 -8.82 13.68
CA ASP A 48 -14.59 -9.30 14.77
C ASP A 48 -14.64 -10.83 14.87
N VAL A 49 -14.30 -11.50 13.78
CA VAL A 49 -14.20 -12.96 13.78
C VAL A 49 -12.96 -13.39 14.54
N PHE A 50 -11.87 -12.64 14.35
CA PHE A 50 -10.64 -12.89 15.09
C PHE A 50 -10.83 -12.60 16.58
N LEU A 51 -11.66 -11.60 16.88
CA LEU A 51 -11.95 -11.23 18.26
C LEU A 51 -12.90 -12.21 18.94
N GLY A 52 -13.65 -12.96 18.13
CA GLY A 52 -14.60 -13.94 18.66
C GLY A 52 -15.98 -13.33 18.91
N LEU A 53 -16.16 -12.10 18.46
CA LEU A 53 -17.44 -11.41 18.62
C LEU A 53 -18.39 -11.79 17.50
N ASP A 54 -17.82 -12.27 16.39
CA ASP A 54 -18.60 -12.68 15.23
C ASP A 54 -18.05 -14.01 14.71
N LYS A 55 -18.96 -14.90 14.31
CA LYS A 55 -18.53 -16.18 13.75
C LYS A 55 -19.16 -16.41 12.38
N ARG A 56 -18.43 -17.11 11.51
CA ARG A 56 -18.90 -17.40 10.17
C ARG A 56 -19.27 -18.86 10.02
N ASN A 57 -19.99 -19.19 8.95
CA ASN A 57 -20.33 -20.56 8.63
C ASN A 57 -19.06 -21.34 8.26
N TYR A 58 -18.06 -20.62 7.78
CA TYR A 58 -16.77 -21.19 7.42
C TYR A 58 -15.72 -20.89 8.48
N SER A 59 -14.78 -21.80 8.65
CA SER A 59 -13.70 -21.62 9.62
C SER A 59 -12.40 -21.22 8.94
N ARG A 60 -12.42 -21.21 7.60
CA ARG A 60 -11.26 -20.80 6.82
C ARG A 60 -11.69 -20.07 5.54
N ALA A 61 -10.99 -19.00 5.22
CA ALA A 61 -11.35 -18.16 4.08
C ALA A 61 -10.13 -17.65 3.31
N THR A 62 -10.37 -17.20 2.09
CA THR A 62 -9.30 -16.64 1.25
C THR A 62 -9.85 -15.49 0.41
N THR A 63 -9.09 -14.39 0.34
CA THR A 63 -9.54 -13.20 -0.36
C THR A 63 -8.42 -12.52 -1.13
N SER A 64 -8.80 -11.73 -2.13
CA SER A 64 -7.89 -10.80 -2.76
C SER A 64 -8.38 -9.40 -2.45
N GLN A 65 -7.94 -8.87 -1.31
CA GLN A 65 -8.45 -7.60 -0.80
C GLN A 65 -7.73 -6.41 -1.41
N ARG A 66 -8.49 -5.46 -1.96
CA ARG A 66 -7.91 -4.21 -2.42
C ARG A 66 -7.62 -3.31 -1.23
N CYS A 67 -6.39 -2.79 -1.17
CA CYS A 67 -5.95 -2.00 -0.04
C CYS A 67 -5.39 -0.65 -0.50
N VAL A 68 -5.58 0.37 0.33
CA VAL A 68 -4.96 1.66 0.10
C VAL A 68 -4.17 2.10 1.33
N ARG A 69 -2.89 2.32 1.15
CA ARG A 69 -2.03 2.72 2.23
C ARG A 69 -1.41 4.08 1.90
N ALA A 70 -2.22 5.11 2.07
CA ALA A 70 -1.84 6.49 1.88
C ALA A 70 -2.06 7.44 3.06
N GLY A 71 -2.34 6.90 4.24
CA GLY A 71 -2.44 7.69 5.46
C GLY A 71 -2.43 6.76 6.62
N GLY A 72 -2.10 7.22 7.83
CA GLY A 72 -1.95 6.31 8.96
C GLY A 72 -0.49 6.04 9.39
N LYS A 73 -0.29 5.17 10.38
CA LYS A 73 -0.56 3.75 10.25
C LYS A 73 0.37 3.31 9.14
N HIS A 74 -0.19 2.80 8.05
CA HIS A 74 0.62 2.64 6.86
C HIS A 74 0.43 3.75 5.85
N ASN A 75 1.50 4.46 5.63
CA ASN A 75 1.54 5.43 4.58
C ASN A 75 2.78 5.30 3.72
N ASP A 76 2.51 4.98 2.48
CA ASP A 76 3.49 4.47 1.57
C ASP A 76 3.56 5.37 0.37
N LEU A 77 2.89 6.50 0.47
CA LEU A 77 2.75 7.46 -0.63
C LEU A 77 4.09 8.02 -1.10
N GLU A 78 5.00 8.27 -0.16
CA GLU A 78 6.29 8.86 -0.49
C GLU A 78 7.30 7.83 -0.98
N ASN A 79 6.91 6.57 -0.99
CA ASN A 79 7.74 5.50 -1.55
C ASN A 79 7.39 5.24 -3.01
N VAL A 80 6.17 5.60 -3.40
CA VAL A 80 5.68 5.38 -4.75
C VAL A 80 6.57 6.09 -5.78
N GLY A 81 7.17 5.32 -6.68
CA GLY A 81 8.04 5.86 -7.70
C GLY A 81 9.51 5.84 -7.32
N TYR A 82 9.78 5.52 -6.05
CA TYR A 82 11.15 5.47 -5.56
C TYR A 82 11.62 4.05 -5.26
N THR A 83 10.68 3.20 -4.84
CA THR A 83 10.99 1.80 -4.59
C THR A 83 10.35 0.91 -5.65
N ALA A 84 10.76 -0.36 -5.66
CA ALA A 84 10.24 -1.31 -6.64
C ALA A 84 9.07 -2.11 -6.10
N ARG A 85 8.70 -1.85 -4.84
CA ARG A 85 7.75 -2.72 -4.14
C ARG A 85 6.56 -2.02 -3.49
N HIS A 86 6.52 -0.69 -3.56
CA HIS A 86 5.49 0.06 -2.86
C HIS A 86 4.43 0.71 -3.76
N HIS A 87 3.17 0.51 -3.41
CA HIS A 87 2.05 1.17 -4.05
C HIS A 87 1.21 1.90 -3.02
N THR A 88 0.31 2.75 -3.48
CA THR A 88 -0.76 3.27 -2.64
C THR A 88 -1.89 2.24 -2.67
N PHE A 89 -2.35 1.93 -3.88
CA PHE A 89 -3.35 0.88 -4.08
C PHE A 89 -2.67 -0.42 -4.46
N PHE A 90 -3.02 -1.49 -3.74
CA PHE A 90 -2.50 -2.81 -4.07
C PHE A 90 -3.46 -3.89 -3.58
N GLU A 91 -3.36 -5.08 -4.17
CA GLU A 91 -4.18 -6.20 -3.75
C GLU A 91 -3.41 -7.12 -2.82
N MET A 92 -3.99 -7.37 -1.65
CA MET A 92 -3.39 -8.27 -0.68
C MET A 92 -4.04 -9.65 -0.76
N LEU A 93 -3.27 -10.62 -1.25
CA LEU A 93 -3.74 -12.01 -1.30
C LEU A 93 -3.62 -12.61 0.09
N GLY A 94 -4.73 -13.09 0.63
CA GLY A 94 -4.72 -13.62 1.99
C GLY A 94 -5.47 -14.92 2.19
N ASN A 95 -4.97 -15.73 3.11
CA ASN A 95 -5.73 -16.87 3.61
C ASN A 95 -5.95 -16.70 5.11
N PHE A 96 -7.12 -17.10 5.58
CA PHE A 96 -7.50 -16.83 6.96
C PHE A 96 -7.99 -18.08 7.67
N SER A 97 -7.57 -18.24 8.93
CA SER A 97 -8.02 -19.33 9.76
C SER A 97 -8.74 -18.77 10.98
N PHE A 98 -10.00 -19.13 11.13
CA PHE A 98 -10.78 -18.71 12.26
C PHE A 98 -10.95 -19.84 13.27
N GLY A 99 -9.98 -19.97 14.16
CA GLY A 99 -9.92 -21.05 15.10
C GLY A 99 -9.80 -22.41 14.45
N ASP A 100 -9.10 -22.47 13.33
CA ASP A 100 -8.91 -23.71 12.61
C ASP A 100 -7.44 -24.06 12.66
N TYR A 101 -6.78 -24.24 11.53
CA TYR A 101 -5.35 -24.51 11.50
C TYR A 101 -4.51 -23.34 12.09
N PHE A 102 -3.43 -23.66 12.77
CA PHE A 102 -2.53 -22.66 13.33
C PHE A 102 -1.18 -22.68 12.62
N LYS A 103 -0.09 -22.56 13.35
CA LYS A 103 1.19 -22.25 12.76
C LYS A 103 1.78 -23.25 11.77
N LEU A 104 1.74 -24.53 12.08
CA LEU A 104 2.32 -25.49 11.20
C LEU A 104 1.65 -25.62 9.83
N ASP A 105 0.33 -25.70 9.82
CA ASP A 105 -0.39 -25.76 8.56
C ASP A 105 -0.37 -24.49 7.72
N ALA A 106 -0.37 -23.35 8.38
CA ALA A 106 -0.23 -22.05 7.74
C ALA A 106 1.11 -21.94 7.03
N ILE A 107 2.15 -22.41 7.70
CA ILE A 107 3.48 -22.37 7.12
C ILE A 107 3.62 -23.37 5.97
N LEU A 108 2.99 -24.53 6.12
CA LEU A 108 3.02 -25.56 5.08
C LEU A 108 2.24 -25.14 3.84
N PHE A 109 1.08 -24.50 4.05
CA PHE A 109 0.28 -23.99 2.94
C PHE A 109 1.07 -23.00 2.09
N ALA A 110 1.70 -22.05 2.76
CA ALA A 110 2.46 -21.00 2.09
C ALA A 110 3.64 -21.57 1.32
N TRP A 111 4.34 -22.52 1.94
CA TRP A 111 5.51 -23.13 1.33
C TRP A 111 5.14 -23.99 0.13
N LEU A 112 4.00 -24.68 0.23
CA LEU A 112 3.51 -25.51 -0.87
C LEU A 112 3.16 -24.65 -2.08
N LEU A 113 2.40 -23.58 -1.85
CA LEU A 113 2.01 -22.67 -2.92
C LEU A 113 3.22 -22.06 -3.60
N LEU A 114 4.21 -21.65 -2.80
CA LEU A 114 5.38 -20.96 -3.33
C LEU A 114 6.35 -21.89 -4.07
N THR A 115 6.58 -23.07 -3.53
CA THR A 115 7.69 -23.87 -4.00
C THR A 115 7.30 -25.14 -4.74
N SER A 116 6.06 -25.54 -4.64
CA SER A 116 5.62 -26.75 -5.30
C SER A 116 5.56 -26.69 -6.85
N GLU A 117 5.97 -27.78 -7.47
CA GLU A 117 6.05 -27.94 -8.91
C GLU A 117 4.66 -27.82 -9.52
N LYS A 118 3.67 -28.24 -8.79
CA LYS A 118 2.28 -28.06 -9.16
C LYS A 118 1.83 -26.61 -9.10
N TRP A 119 2.41 -25.85 -8.20
CA TRP A 119 2.05 -24.45 -8.03
C TRP A 119 3.08 -23.45 -8.54
N PHE A 120 3.46 -22.49 -7.71
CA PHE A 120 4.37 -21.45 -8.13
C PHE A 120 5.77 -21.93 -8.46
N ALA A 121 6.23 -22.96 -7.76
CA ALA A 121 7.45 -23.65 -8.15
C ALA A 121 8.68 -22.77 -8.08
N LEU A 122 8.72 -21.94 -7.06
CA LEU A 122 9.88 -21.08 -6.84
C LEU A 122 11.02 -21.88 -6.23
N PRO A 123 12.26 -21.56 -6.61
CA PRO A 123 13.43 -22.21 -6.02
C PRO A 123 13.54 -21.91 -4.53
N LYS A 124 13.66 -22.96 -3.72
CA LYS A 124 13.74 -22.82 -2.28
C LYS A 124 14.93 -21.97 -1.85
N GLU A 125 15.99 -22.02 -2.64
CA GLU A 125 17.24 -21.34 -2.34
C GLU A 125 17.12 -19.82 -2.23
N ARG A 126 16.16 -19.24 -2.94
CA ARG A 126 16.04 -17.78 -2.97
C ARG A 126 15.02 -17.25 -1.97
N LEU A 127 14.53 -18.13 -1.10
CA LEU A 127 13.54 -17.74 -0.10
C LEU A 127 14.11 -17.67 1.31
N TRP A 128 13.91 -16.51 1.94
CA TRP A 128 14.33 -16.27 3.31
C TRP A 128 13.10 -16.08 4.18
N VAL A 129 13.18 -16.52 5.43
CA VAL A 129 12.06 -16.37 6.35
C VAL A 129 12.47 -15.66 7.63
N THR A 130 11.58 -14.83 8.14
CA THR A 130 11.79 -14.19 9.43
C THR A 130 10.77 -14.69 10.44
N VAL A 131 11.18 -14.81 11.69
CA VAL A 131 10.28 -15.16 12.76
C VAL A 131 10.44 -14.17 13.91
N TYR A 132 9.45 -14.11 14.78
CA TYR A 132 9.54 -13.30 15.98
C TYR A 132 10.54 -13.96 16.92
N GLU A 133 11.44 -13.17 17.51
CA GLU A 133 12.54 -13.71 18.30
C GLU A 133 12.09 -14.78 19.31
N SER A 134 10.98 -14.53 19.99
CA SER A 134 10.49 -15.42 21.03
C SER A 134 9.63 -16.56 20.49
N ASP A 135 9.29 -16.49 19.20
CA ASP A 135 8.47 -17.53 18.58
C ASP A 135 9.31 -18.75 18.21
N ASP A 136 9.62 -19.57 19.21
CA ASP A 136 10.43 -20.76 19.00
C ASP A 136 9.69 -21.81 18.16
N GLU A 137 8.37 -21.89 18.32
CA GLU A 137 7.55 -22.82 17.55
C GLU A 137 7.70 -22.57 16.05
N ALA A 138 7.56 -21.32 15.64
CA ALA A 138 7.69 -20.96 14.23
C ALA A 138 9.09 -21.25 13.71
N TYR A 139 10.10 -21.02 14.55
CA TYR A 139 11.49 -21.28 14.15
C TYR A 139 11.73 -22.76 13.86
N GLU A 140 11.29 -23.62 14.77
CA GLU A 140 11.52 -25.05 14.61
CA GLU A 140 11.48 -25.07 14.63
C GLU A 140 10.69 -25.63 13.46
N ILE A 141 9.55 -25.02 13.16
CA ILE A 141 8.72 -25.46 12.05
C ILE A 141 9.44 -25.20 10.72
N TRP A 142 10.01 -24.00 10.58
CA TRP A 142 10.79 -23.67 9.40
C TRP A 142 12.04 -24.54 9.30
N GLU A 143 12.69 -24.77 10.44
CA GLU A 143 13.95 -25.50 10.48
C GLU A 143 13.80 -27.00 10.28
N LYS A 144 12.92 -27.61 11.07
CA LYS A 144 12.81 -29.07 11.09
C LYS A 144 11.71 -29.64 10.18
N GLU A 145 10.57 -28.94 10.13
CA GLU A 145 9.46 -29.41 9.31
C GLU A 145 9.65 -29.08 7.83
N VAL A 146 9.97 -27.82 7.54
CA VAL A 146 10.16 -27.37 6.16
C VAL A 146 11.55 -27.70 5.65
N GLY A 147 12.56 -27.45 6.48
CA GLY A 147 13.94 -27.77 6.11
C GLY A 147 14.71 -26.58 5.59
N ILE A 148 14.37 -25.39 6.07
CA ILE A 148 15.10 -24.18 5.70
C ILE A 148 16.44 -24.14 6.42
N PRO A 149 17.53 -23.98 5.68
CA PRO A 149 18.84 -23.80 6.32
C PRO A 149 18.80 -22.66 7.32
N ARG A 150 19.36 -22.87 8.50
CA ARG A 150 19.31 -21.89 9.59
C ARG A 150 19.86 -20.52 9.18
N GLU A 151 20.70 -20.51 8.14
CA GLU A 151 21.25 -19.26 7.62
C GLU A 151 20.15 -18.31 7.17
N ARG A 152 19.09 -18.87 6.58
CA ARG A 152 18.02 -18.06 6.01
C ARG A 152 16.78 -18.00 6.91
N ILE A 153 16.94 -18.39 8.17
CA ILE A 153 15.91 -18.18 9.17
C ILE A 153 16.39 -17.10 10.14
N ILE A 154 15.73 -15.95 10.09
CA ILE A 154 16.19 -14.78 10.84
C ILE A 154 15.23 -14.42 11.96
N ARG A 155 15.76 -14.38 13.19
CA ARG A 155 14.97 -13.97 14.34
C ARG A 155 14.96 -12.44 14.47
N ILE A 156 13.78 -11.89 14.64
CA ILE A 156 13.63 -10.45 14.81
C ILE A 156 12.78 -10.13 16.02
N GLY A 157 13.38 -9.41 16.97
CA GLY A 157 12.70 -9.00 18.18
C GLY A 157 12.08 -7.64 18.02
N ASP A 158 11.96 -6.93 19.13
CA ASP A 158 11.33 -5.61 19.13
C ASP A 158 12.28 -4.54 18.58
N ASN A 159 12.40 -4.52 17.26
CA ASN A 159 13.35 -3.64 16.60
C ASN A 159 12.83 -2.22 16.35
N LYS A 160 11.58 -1.98 16.71
CA LYS A 160 10.99 -0.66 16.53
C LYS A 160 11.16 0.22 17.77
N GLY A 161 11.70 -0.37 18.81
CA GLY A 161 12.06 0.34 20.03
C GLY A 161 11.07 0.38 21.18
N ALA A 162 10.00 -0.39 21.10
CA ALA A 162 9.08 -0.55 22.22
C ALA A 162 8.60 -1.99 22.23
N PRO A 163 8.11 -2.49 23.38
CA PRO A 163 7.63 -3.86 23.38
C PRO A 163 6.41 -4.14 22.48
N TYR A 164 6.51 -5.29 21.82
CA TYR A 164 5.59 -5.77 20.81
C TYR A 164 5.71 -4.93 19.57
N ALA A 165 6.71 -4.07 19.53
CA ALA A 165 6.88 -3.22 18.38
C ALA A 165 8.01 -3.79 17.57
N SER A 166 7.65 -4.31 16.41
CA SER A 166 8.48 -5.27 15.72
C SER A 166 8.00 -5.44 14.30
N ASP A 167 8.91 -5.82 13.44
CA ASP A 167 8.55 -6.20 12.07
C ASP A 167 7.92 -7.59 12.07
N ASN A 168 8.08 -8.30 13.17
CA ASN A 168 7.48 -9.62 13.32
C ASN A 168 6.41 -9.68 14.40
N PHE A 169 5.79 -8.54 14.67
CA PHE A 169 4.57 -8.52 15.46
C PHE A 169 3.57 -7.61 14.76
N TRP A 170 2.62 -8.22 14.08
CA TRP A 170 1.65 -7.45 13.33
C TRP A 170 0.51 -6.95 14.21
N GLN A 171 0.26 -5.65 14.15
CA GLN A 171 -0.84 -5.04 14.88
C GLN A 171 -1.76 -4.31 13.92
N MET A 172 -3.06 -4.40 14.15
CA MET A 172 -4.05 -3.72 13.32
C MET A 172 -4.00 -2.22 13.55
N GLY A 173 -3.99 -1.83 14.82
CA GLY A 173 -3.89 -0.42 15.21
C GLY A 173 -3.42 -0.31 16.64
N ASP A 174 -3.92 0.70 17.35
CA ASP A 174 -3.63 0.84 18.77
C ASP A 174 -4.40 -0.21 19.56
N THR A 175 -5.50 -0.69 18.98
CA THR A 175 -6.30 -1.76 19.55
C THR A 175 -6.68 -2.78 18.49
N GLY A 176 -7.13 -3.96 18.92
CA GLY A 176 -7.60 -4.98 18.00
C GLY A 176 -6.74 -6.22 17.95
N PRO A 177 -7.11 -7.18 17.10
CA PRO A 177 -6.41 -8.46 16.95
C PRO A 177 -4.97 -8.27 16.48
N CYS A 178 -4.05 -9.01 17.09
CA CYS A 178 -2.64 -8.92 16.75
C CYS A 178 -1.90 -10.19 17.16
N GLY A 179 -0.61 -10.25 16.85
CA GLY A 179 0.20 -11.39 17.21
C GLY A 179 1.51 -11.44 16.45
N PRO A 180 2.44 -12.29 16.92
CA PRO A 180 3.72 -12.48 16.23
C PRO A 180 3.48 -13.08 14.85
N CYS A 181 4.38 -12.79 13.91
CA CYS A 181 4.20 -13.25 12.54
C CYS A 181 5.50 -13.75 11.94
N THR A 182 5.37 -14.56 10.89
CA THR A 182 6.51 -15.01 10.12
C THR A 182 6.39 -14.50 8.69
N GLU A 183 7.47 -13.95 8.17
CA GLU A 183 7.43 -13.31 6.86
C GLU A 183 8.40 -13.95 5.88
N ILE A 184 7.94 -14.10 4.63
CA ILE A 184 8.75 -14.74 3.60
C ILE A 184 9.30 -13.70 2.63
N PHE A 185 10.61 -13.76 2.39
CA PHE A 185 11.30 -12.81 1.51
C PHE A 185 11.85 -13.51 0.29
N TYR A 186 11.97 -12.77 -0.81
CA TYR A 186 12.54 -13.30 -2.04
C TYR A 186 13.77 -12.52 -2.44
N ASP A 187 14.89 -13.23 -2.66
CA ASP A 187 16.12 -12.60 -3.11
C ASP A 187 16.08 -12.43 -4.63
N HIS A 188 16.03 -11.17 -5.06
CA HIS A 188 15.92 -10.85 -6.48
C HIS A 188 17.27 -10.84 -7.22
N GLY A 189 18.36 -10.99 -6.48
CA GLY A 189 19.69 -11.07 -7.10
C GLY A 189 20.68 -10.04 -6.59
N ASP A 190 21.96 -10.37 -6.69
CA ASP A 190 23.03 -9.52 -6.15
C ASP A 190 23.34 -8.29 -7.00
N HIS A 191 22.63 -8.13 -8.10
CA HIS A 191 22.78 -6.95 -8.95
C HIS A 191 21.97 -5.78 -8.37
N ILE A 192 21.23 -6.07 -7.31
CA ILE A 192 20.41 -5.07 -6.65
C ILE A 192 20.96 -4.75 -5.27
N TRP A 193 21.02 -3.47 -4.95
CA TRP A 193 21.45 -3.04 -3.64
C TRP A 193 20.43 -3.47 -2.59
N GLY A 194 20.93 -4.00 -1.48
CA GLY A 194 20.08 -4.41 -0.39
C GLY A 194 20.63 -5.58 0.40
N GLY A 195 20.27 -5.61 1.67
CA GLY A 195 20.62 -6.71 2.54
C GLY A 195 19.38 -7.42 3.01
N PRO A 196 19.57 -8.58 3.67
CA PRO A 196 18.50 -9.40 4.21
C PRO A 196 17.81 -8.69 5.36
N PRO A 197 16.61 -9.16 5.72
CA PRO A 197 15.89 -8.59 6.86
C PRO A 197 16.77 -8.60 8.11
N GLY A 198 16.86 -7.46 8.78
CA GLY A 198 17.69 -7.35 9.97
C GLY A 198 18.98 -6.60 9.72
N SER A 199 19.43 -6.58 8.48
CA SER A 199 20.63 -5.84 8.12
C SER A 199 20.32 -4.35 8.04
N PRO A 200 21.36 -3.51 8.22
CA PRO A 200 21.24 -2.06 8.03
C PRO A 200 20.74 -1.70 6.64
N GLU A 201 20.92 -2.61 5.68
CA GLU A 201 20.44 -2.36 4.32
C GLU A 201 19.22 -3.20 3.95
N GLU A 202 18.40 -3.53 4.95
CA GLU A 202 17.19 -4.34 4.73
C GLU A 202 16.15 -3.62 3.88
N ASP A 203 16.21 -2.28 3.86
CA ASP A 203 15.26 -1.47 3.09
C ASP A 203 15.50 -1.53 1.58
N GLY A 204 16.60 -2.15 1.18
CA GLY A 204 16.91 -2.29 -0.24
C GLY A 204 15.89 -3.15 -0.96
N ASP A 205 15.86 -3.03 -2.28
CA ASP A 205 14.89 -3.76 -3.10
C ASP A 205 15.38 -5.14 -3.53
N ARG A 206 16.47 -5.61 -2.92
CA ARG A 206 16.98 -6.94 -3.24
C ARG A 206 16.19 -8.04 -2.55
N TYR A 207 16.08 -7.96 -1.24
CA TYR A 207 15.29 -8.91 -0.46
C TYR A 207 13.93 -8.32 -0.17
N ILE A 208 12.96 -8.61 -1.03
CA ILE A 208 11.63 -8.04 -0.93
C ILE A 208 10.67 -8.96 -0.17
N GLU A 209 9.96 -8.38 0.78
CA GLU A 209 8.96 -9.11 1.57
C GLU A 209 7.75 -9.47 0.71
N ILE A 210 7.51 -10.76 0.55
CA ILE A 210 6.43 -11.24 -0.31
C ILE A 210 5.16 -11.56 0.47
N TRP A 211 5.31 -12.33 1.54
CA TRP A 211 4.17 -12.88 2.25
C TRP A 211 4.31 -12.73 3.77
N ASN A 212 3.31 -12.12 4.39
CA ASN A 212 3.27 -12.01 5.85
C ASN A 212 2.22 -12.95 6.46
N ILE A 213 2.69 -13.89 7.26
CA ILE A 213 1.79 -14.86 7.91
C ILE A 213 1.67 -14.54 9.40
N VAL A 214 0.53 -13.98 9.78
CA VAL A 214 0.32 -13.54 11.15
C VAL A 214 -0.40 -14.60 11.98
N PHE A 215 0.18 -14.94 13.12
CA PHE A 215 -0.46 -15.86 14.06
C PHE A 215 -1.24 -15.09 15.12
N MET A 216 -2.50 -14.79 14.80
CA MET A 216 -3.36 -14.01 15.68
C MET A 216 -3.54 -14.68 17.03
N GLN A 217 -3.11 -14.00 18.09
CA GLN A 217 -3.12 -14.57 19.42
C GLN A 217 -3.64 -13.60 20.49
N PHE A 218 -3.57 -12.30 20.21
CA PHE A 218 -3.94 -11.31 21.20
C PHE A 218 -4.90 -10.24 20.69
N ASN A 219 -5.76 -9.75 21.59
CA ASN A 219 -6.49 -8.53 21.36
C ASN A 219 -5.81 -7.41 22.13
N ARG A 220 -5.11 -6.56 21.41
CA ARG A 220 -4.40 -5.43 22.03
C ARG A 220 -5.40 -4.43 22.61
N GLN A 221 -5.20 -4.11 23.88
CA GLN A 221 -6.11 -3.21 24.59
C GLN A 221 -5.62 -1.77 24.47
N ALA A 222 -6.50 -0.83 24.78
CA ALA A 222 -6.16 0.59 24.77
C ALA A 222 -4.95 0.89 25.66
N ASP A 223 -4.89 0.24 26.82
CA ASP A 223 -3.81 0.48 27.78
C ASP A 223 -2.50 -0.22 27.42
N GLY A 224 -2.46 -0.82 26.23
CA GLY A 224 -1.27 -1.52 25.77
C GLY A 224 -1.21 -2.97 26.22
N THR A 225 -2.28 -3.40 26.89
CA THR A 225 -2.38 -4.77 27.39
C THR A 225 -2.69 -5.76 26.29
N MET A 226 -2.03 -6.91 26.35
CA MET A 226 -2.31 -8.00 25.42
C MET A 226 -3.27 -9.01 26.05
N GLU A 227 -4.49 -9.04 25.53
CA GLU A 227 -5.50 -9.98 25.98
C GLU A 227 -5.64 -11.12 24.97
N PRO A 228 -5.47 -12.37 25.43
CA PRO A 228 -5.51 -13.54 24.56
C PRO A 228 -6.85 -13.66 23.82
N LEU A 229 -6.77 -13.96 22.52
CA LEU A 229 -7.97 -14.22 21.73
C LEU A 229 -8.54 -15.58 22.14
N PRO A 230 -9.88 -15.71 22.10
CA PRO A 230 -10.53 -16.97 22.47
C PRO A 230 -9.94 -18.16 21.72
N LYS A 231 -9.66 -17.97 20.43
CA LYS A 231 -9.09 -19.03 19.59
C LYS A 231 -7.93 -18.50 18.78
N PRO A 232 -6.74 -19.11 18.95
CA PRO A 232 -5.59 -18.78 18.11
C PRO A 232 -5.96 -18.90 16.63
N SER A 233 -5.64 -17.88 15.85
CA SER A 233 -6.08 -17.81 14.46
C SER A 233 -4.96 -17.38 13.53
N VAL A 234 -5.21 -17.46 12.22
CA VAL A 234 -4.20 -17.10 11.23
C VAL A 234 -4.71 -16.01 10.28
N ASP A 235 -3.87 -15.02 10.06
CA ASP A 235 -4.14 -13.95 9.11
C ASP A 235 -2.92 -13.76 8.22
N THR A 236 -3.03 -14.07 6.94
CA THR A 236 -1.90 -13.90 6.04
C THR A 236 -2.19 -12.86 4.96
N GLY A 237 -1.13 -12.30 4.41
CA GLY A 237 -1.25 -11.27 3.39
C GLY A 237 -0.04 -11.27 2.47
N MET A 238 -0.28 -11.46 1.18
CA MET A 238 0.78 -11.44 0.20
C MET A 238 0.45 -10.44 -0.91
N GLY A 239 1.36 -9.49 -1.14
CA GLY A 239 1.19 -8.51 -2.20
C GLY A 239 1.14 -9.18 -3.56
N LEU A 240 0.00 -9.05 -4.23
CA LEU A 240 -0.19 -9.65 -5.55
C LEU A 240 0.83 -9.13 -6.55
N GLU A 241 1.12 -7.83 -6.47
CA GLU A 241 2.07 -7.20 -7.38
C GLU A 241 3.49 -7.71 -7.14
N ARG A 242 3.84 -7.92 -5.87
CA ARG A 242 5.18 -8.39 -5.52
C ARG A 242 5.43 -9.84 -5.94
N ILE A 243 4.43 -10.70 -5.73
CA ILE A 243 4.56 -12.09 -6.15
C ILE A 243 4.48 -12.21 -7.67
N ALA A 244 3.74 -11.31 -8.30
CA ALA A 244 3.66 -11.26 -9.76
C ALA A 244 5.01 -10.90 -10.36
N ALA A 245 5.72 -9.98 -9.71
CA ALA A 245 7.05 -9.58 -10.16
C ALA A 245 8.01 -10.76 -10.10
N VAL A 246 7.97 -11.50 -8.99
CA VAL A 246 8.79 -12.69 -8.82
C VAL A 246 8.50 -13.71 -9.92
N LEU A 247 7.22 -14.01 -10.12
CA LEU A 247 6.81 -15.04 -11.07
C LEU A 247 7.02 -14.65 -12.53
N GLN A 248 7.09 -13.35 -12.79
CA GLN A 248 7.33 -12.86 -14.15
C GLN A 248 8.79 -12.47 -14.35
N HIS A 249 9.64 -12.90 -13.42
CA HIS A 249 11.09 -12.68 -13.47
C HIS A 249 11.51 -11.23 -13.60
N VAL A 250 10.91 -10.36 -12.79
CA VAL A 250 11.33 -8.96 -12.73
C VAL A 250 11.49 -8.51 -11.28
N ASN A 251 12.33 -7.51 -11.07
CA ASN A 251 12.57 -6.95 -9.73
C ASN A 251 11.45 -6.02 -9.27
N SER A 252 10.93 -5.21 -10.20
CA SER A 252 9.97 -4.17 -9.84
C SER A 252 8.53 -4.55 -10.10
N ASN A 253 7.65 -4.09 -9.21
CA ASN A 253 6.20 -4.25 -9.38
C ASN A 253 5.73 -3.56 -10.65
N TYR A 254 6.41 -2.49 -11.02
CA TYR A 254 6.01 -1.69 -12.17
C TYR A 254 6.46 -2.30 -13.49
N ASP A 255 7.11 -3.45 -13.41
CA ASP A 255 7.55 -4.17 -14.61
C ASP A 255 6.67 -5.39 -14.88
N ILE A 256 5.66 -5.60 -14.05
CA ILE A 256 4.69 -6.68 -14.29
C ILE A 256 3.76 -6.28 -15.42
N ASP A 257 3.09 -7.27 -16.01
CA ASP A 257 2.23 -7.04 -17.18
C ASP A 257 1.20 -5.92 -16.95
N LEU A 258 0.60 -5.91 -15.77
CA LEU A 258 -0.42 -4.93 -15.42
C LEU A 258 0.10 -3.50 -15.51
N PHE A 259 1.24 -3.25 -14.89
CA PHE A 259 1.80 -1.90 -14.84
C PHE A 259 2.50 -1.51 -16.15
N ARG A 260 2.95 -2.51 -16.90
CA ARG A 260 3.51 -2.26 -18.22
C ARG A 260 2.45 -1.67 -19.14
N THR A 261 1.27 -2.32 -19.16
CA THR A 261 0.16 -1.86 -19.97
C THR A 261 -0.36 -0.51 -19.48
N LEU A 262 -0.40 -0.34 -18.16
CA LEU A 262 -0.91 0.87 -17.56
C LEU A 262 0.02 2.07 -17.81
N ILE A 263 1.32 1.84 -17.70
CA ILE A 263 2.31 2.88 -17.96
C ILE A 263 2.30 3.29 -19.43
N GLN A 264 2.06 2.33 -20.31
CA GLN A 264 1.93 2.61 -21.74
C GLN A 264 0.73 3.51 -22.02
N ALA A 265 -0.34 3.31 -21.24
CA ALA A 265 -1.54 4.13 -21.37
C ALA A 265 -1.29 5.55 -20.87
N VAL A 266 -0.53 5.67 -19.80
CA VAL A 266 -0.16 6.98 -19.25
C VAL A 266 0.68 7.76 -20.25
N ALA A 267 1.63 7.07 -20.89
CA ALA A 267 2.50 7.68 -21.87
C ALA A 267 1.73 8.16 -23.10
N LYS A 268 0.65 7.46 -23.43
CA LYS A 268 -0.15 7.77 -24.61
C LYS A 268 -0.96 9.05 -24.42
N VAL A 269 -1.50 9.25 -23.22
CA VAL A 269 -2.35 10.41 -22.94
C VAL A 269 -1.57 11.64 -22.51
N THR A 270 -0.32 11.45 -22.10
CA THR A 270 0.53 12.56 -21.66
C THR A 270 1.54 12.95 -22.74
N GLY A 271 1.83 12.02 -23.65
CA GLY A 271 2.80 12.26 -24.71
C GLY A 271 4.22 11.99 -24.28
N ALA A 272 4.37 11.31 -23.15
CA ALA A 272 5.69 10.97 -22.63
C ALA A 272 6.42 10.01 -23.56
N THR A 273 7.73 10.20 -23.68
CA THR A 273 8.55 9.40 -24.61
C THR A 273 9.46 8.42 -23.88
N ASP A 274 9.60 8.60 -22.57
CA ASP A 274 10.43 7.71 -21.76
C ASP A 274 9.76 6.35 -21.57
N LEU A 275 10.56 5.30 -21.46
CA LEU A 275 10.06 3.97 -21.18
C LEU A 275 9.48 3.97 -19.77
N SER A 276 10.24 4.51 -18.83
CA SER A 276 9.81 4.61 -17.45
C SER A 276 10.56 5.70 -16.69
N ASN A 277 9.82 6.46 -15.90
CA ASN A 277 10.39 7.43 -14.97
C ASN A 277 9.48 7.57 -13.75
N LYS A 278 9.88 8.40 -12.79
CA LYS A 278 9.08 8.59 -11.58
C LYS A 278 7.63 8.92 -11.90
N SER A 279 7.43 9.95 -12.74
CA SER A 279 6.09 10.44 -13.07
C SER A 279 5.20 9.37 -13.69
N LEU A 280 5.74 8.62 -14.64
CA LEU A 280 4.97 7.56 -15.31
C LEU A 280 4.49 6.51 -14.33
N ARG A 281 5.37 6.10 -13.42
CA ARG A 281 5.04 5.07 -12.43
C ARG A 281 4.09 5.61 -11.35
N VAL A 282 4.29 6.87 -10.96
CA VAL A 282 3.44 7.50 -9.97
C VAL A 282 1.99 7.62 -10.47
N ILE A 283 1.83 8.08 -11.71
CA ILE A 283 0.51 8.24 -12.30
C ILE A 283 -0.21 6.90 -12.47
N ALA A 284 0.54 5.88 -12.88
CA ALA A 284 -0.01 4.54 -13.03
C ALA A 284 -0.51 4.00 -11.69
N ASP A 285 0.24 4.28 -10.63
CA ASP A 285 -0.17 3.88 -9.29
C ASP A 285 -1.35 4.71 -8.79
N HIS A 286 -1.29 6.01 -9.05
CA HIS A 286 -2.28 6.96 -8.54
C HIS A 286 -3.68 6.77 -9.12
N ILE A 287 -3.74 6.38 -10.39
CA ILE A 287 -5.03 6.13 -11.03
C ILE A 287 -5.74 4.95 -10.37
N ARG A 288 -4.97 3.98 -9.89
CA ARG A 288 -5.55 2.83 -9.21
C ARG A 288 -6.19 3.23 -7.89
N SER A 289 -5.46 4.00 -7.09
CA SER A 289 -6.00 4.45 -5.81
C SER A 289 -7.14 5.45 -5.97
N CYS A 290 -7.00 6.40 -6.90
CA CYS A 290 -8.04 7.40 -7.11
C CYS A 290 -9.33 6.80 -7.67
N ALA A 291 -9.20 6.00 -8.72
CA ALA A 291 -10.37 5.41 -9.38
C ALA A 291 -11.16 4.46 -8.47
N PHE A 292 -10.45 3.64 -7.70
CA PHE A 292 -11.11 2.67 -6.83
C PHE A 292 -11.70 3.32 -5.57
N LEU A 293 -11.09 4.39 -5.09
CA LEU A 293 -11.63 5.13 -3.96
C LEU A 293 -12.96 5.77 -4.31
N ILE A 294 -13.02 6.40 -5.49
CA ILE A 294 -14.26 7.02 -5.96
C ILE A 294 -15.32 5.96 -6.22
N ALA A 295 -14.92 4.83 -6.78
CA ALA A 295 -15.84 3.72 -7.03
C ALA A 295 -16.41 3.16 -5.73
N ASP A 296 -15.63 3.27 -4.65
CA ASP A 296 -16.07 2.81 -3.34
C ASP A 296 -16.82 3.89 -2.55
N GLY A 297 -16.99 5.06 -3.17
CA GLY A 297 -17.83 6.09 -2.61
C GLY A 297 -17.13 7.35 -2.10
N VAL A 298 -15.81 7.37 -2.18
CA VAL A 298 -15.05 8.53 -1.73
C VAL A 298 -15.12 9.67 -2.75
N MET A 299 -15.51 10.85 -2.29
CA MET A 299 -15.57 12.03 -3.15
C MET A 299 -14.53 13.04 -2.71
N PRO A 300 -13.88 13.71 -3.69
CA PRO A 300 -12.84 14.70 -3.38
C PRO A 300 -13.38 15.83 -2.53
N SER A 301 -12.65 16.17 -1.49
CA SER A 301 -13.04 17.24 -0.60
C SER A 301 -11.81 17.80 0.08
N ASN A 302 -12.01 18.80 0.92
CA ASN A 302 -10.91 19.36 1.68
C ASN A 302 -10.67 18.80 3.08
N GLU A 303 -11.40 17.76 3.45
CA GLU A 303 -11.17 17.15 4.73
C GLU A 303 -11.24 15.61 4.72
N ASN A 304 -10.55 14.98 5.65
CA ASN A 304 -10.65 13.55 5.91
C ASN A 304 -10.33 12.63 4.71
N ARG A 305 -11.19 11.67 4.41
CA ARG A 305 -10.93 10.75 3.31
C ARG A 305 -10.88 11.46 1.96
N GLY A 306 -11.78 12.42 1.80
CA GLY A 306 -11.89 13.22 0.59
C GLY A 306 -10.64 14.01 0.26
N TYR A 307 -9.96 14.49 1.28
CA TYR A 307 -8.76 15.28 1.05
C TYR A 307 -7.57 14.41 0.68
N VAL A 308 -7.53 13.19 1.21
CA VAL A 308 -6.49 12.23 0.83
C VAL A 308 -6.65 11.88 -0.64
N LEU A 309 -7.90 11.68 -1.06
CA LEU A 309 -8.22 11.44 -2.46
C LEU A 309 -7.81 12.65 -3.30
N ARG A 310 -8.15 13.84 -2.82
CA ARG A 310 -7.82 15.08 -3.52
C ARG A 310 -6.30 15.26 -3.65
N ARG A 311 -5.58 14.92 -2.59
CA ARG A 311 -4.12 15.01 -2.60
C ARG A 311 -3.50 14.11 -3.67
N ILE A 312 -3.99 12.88 -3.76
CA ILE A 312 -3.45 11.91 -4.72
C ILE A 312 -3.77 12.31 -6.16
N ILE A 313 -5.00 12.75 -6.40
CA ILE A 313 -5.40 13.20 -7.74
C ILE A 313 -4.51 14.33 -8.22
N ARG A 314 -4.35 15.35 -7.38
CA ARG A 314 -3.61 16.54 -7.76
C ARG A 314 -2.10 16.31 -7.89
N ARG A 315 -1.58 15.35 -7.13
CA ARG A 315 -0.18 14.95 -7.27
C ARG A 315 0.05 14.23 -8.60
N ALA A 316 -0.95 13.46 -9.03
CA ALA A 316 -0.89 12.76 -10.30
C ALA A 316 -0.96 13.73 -11.46
N VAL A 317 -1.81 14.76 -11.32
CA VAL A 317 -1.95 15.80 -12.34
C VAL A 317 -0.66 16.61 -12.46
N ARG A 318 0.02 16.82 -11.34
CA ARG A 318 1.30 17.51 -11.32
C ARG A 318 2.34 16.73 -12.12
N HIS A 319 2.38 15.41 -11.93
CA HIS A 319 3.32 14.57 -12.65
C HIS A 319 3.00 14.48 -14.14
N GLY A 320 1.71 14.63 -14.47
CA GLY A 320 1.31 14.70 -15.87
C GLY A 320 1.86 15.94 -16.52
N ASN A 321 1.89 17.03 -15.77
CA ASN A 321 2.50 18.28 -16.22
C ASN A 321 4.00 18.12 -16.43
N MET A 322 4.64 17.38 -15.53
CA MET A 322 6.05 17.06 -15.64
C MET A 322 6.35 16.32 -16.94
N LEU A 323 5.45 15.43 -17.34
CA LEU A 323 5.61 14.66 -18.56
C LEU A 323 5.28 15.48 -19.81
N GLY A 324 4.58 16.60 -19.61
CA GLY A 324 4.25 17.49 -20.71
C GLY A 324 2.85 17.31 -21.24
N ALA A 325 1.92 16.95 -20.36
CA ALA A 325 0.52 16.79 -20.75
C ALA A 325 -0.07 18.13 -21.19
N LYS A 326 -0.70 18.13 -22.35
CA LYS A 326 -1.23 19.36 -22.94
C LYS A 326 -2.71 19.57 -22.60
N GLU A 327 -3.43 18.46 -22.43
CA GLU A 327 -4.86 18.51 -22.12
C GLU A 327 -5.21 17.62 -20.93
N THR A 328 -6.44 17.74 -20.45
CA THR A 328 -6.92 16.91 -19.35
C THR A 328 -6.68 15.44 -19.69
N PHE A 329 -6.04 14.71 -18.77
CA PHE A 329 -5.56 13.37 -19.08
C PHE A 329 -5.97 12.28 -18.09
N PHE A 330 -6.01 12.62 -16.80
CA PHE A 330 -6.12 11.62 -15.74
C PHE A 330 -7.35 10.71 -15.88
N TYR A 331 -8.49 11.31 -16.23
CA TYR A 331 -9.74 10.56 -16.34
C TYR A 331 -9.73 9.57 -17.51
N LYS A 332 -8.83 9.81 -18.47
CA LYS A 332 -8.73 8.95 -19.65
C LYS A 332 -8.07 7.61 -19.32
N LEU A 333 -7.60 7.47 -18.09
CA LEU A 333 -6.89 6.26 -17.67
C LEU A 333 -7.79 5.24 -16.99
N VAL A 334 -9.04 5.64 -16.74
CA VAL A 334 -10.01 4.75 -16.08
C VAL A 334 -10.31 3.52 -16.94
N GLY A 335 -10.54 3.76 -18.23
CA GLY A 335 -10.79 2.67 -19.17
C GLY A 335 -9.68 1.64 -19.18
N PRO A 336 -8.45 2.08 -19.53
CA PRO A 336 -7.26 1.21 -19.50
C PRO A 336 -7.09 0.47 -18.17
N LEU A 337 -7.37 1.15 -17.06
CA LEU A 337 -7.26 0.54 -15.73
C LEU A 337 -8.25 -0.61 -15.58
N ILE A 338 -9.50 -0.37 -15.96
CA ILE A 338 -10.54 -1.40 -15.91
C ILE A 338 -10.12 -2.64 -16.68
N ASP A 339 -9.45 -2.43 -17.81
CA ASP A 339 -9.06 -3.51 -18.71
C ASP A 339 -7.97 -4.40 -18.12
N VAL A 340 -7.03 -3.80 -17.39
CA VAL A 340 -5.90 -4.56 -16.82
C VAL A 340 -6.25 -5.26 -15.53
N MET A 341 -7.31 -4.80 -14.85
CA MET A 341 -7.68 -5.34 -13.55
C MET A 341 -8.52 -6.61 -13.65
N GLY A 342 -9.21 -6.78 -14.78
CA GLY A 342 -10.03 -7.96 -15.00
C GLY A 342 -11.19 -8.07 -14.03
N SER A 343 -11.24 -9.19 -13.31
CA SER A 343 -12.33 -9.44 -12.36
C SER A 343 -12.23 -8.54 -11.13
N ALA A 344 -11.04 -8.02 -10.87
CA ALA A 344 -10.81 -7.15 -9.72
C ALA A 344 -11.19 -5.71 -10.01
N GLY A 345 -11.53 -5.43 -11.27
CA GLY A 345 -11.92 -4.08 -11.68
C GLY A 345 -13.36 -4.00 -12.14
N GLU A 346 -14.21 -4.85 -11.59
CA GLU A 346 -15.61 -4.89 -11.97
C GLU A 346 -16.47 -3.93 -11.17
N ASP A 347 -16.13 -3.74 -9.91
CA ASP A 347 -16.80 -2.73 -9.08
C ASP A 347 -16.53 -1.34 -9.66
N LEU A 348 -15.43 -1.19 -10.38
CA LEU A 348 -15.07 0.09 -10.98
C LEU A 348 -15.79 0.34 -12.31
N LYS A 349 -15.80 -0.65 -13.19
CA LYS A 349 -16.45 -0.54 -14.49
C LYS A 349 -17.93 -0.23 -14.33
N ARG A 350 -18.49 -0.75 -13.26
CA ARG A 350 -19.89 -0.52 -12.90
C ARG A 350 -20.18 0.97 -12.83
N GLN A 351 -19.19 1.76 -12.41
CA GLN A 351 -19.36 3.21 -12.36
C GLN A 351 -18.29 3.99 -13.09
N GLN A 352 -17.89 3.48 -14.24
CA GLN A 352 -16.87 4.13 -15.05
C GLN A 352 -17.18 5.61 -15.30
N ALA A 353 -18.34 5.89 -15.87
CA ALA A 353 -18.72 7.26 -16.23
C ALA A 353 -18.66 8.21 -15.05
N GLN A 354 -19.16 7.76 -13.90
CA GLN A 354 -19.17 8.54 -12.68
C GLN A 354 -17.75 8.86 -12.22
N VAL A 355 -16.91 7.82 -12.16
CA VAL A 355 -15.52 7.99 -11.75
C VAL A 355 -14.77 8.90 -12.72
N GLU A 356 -15.03 8.73 -14.01
CA GLU A 356 -14.41 9.54 -15.04
C GLU A 356 -14.75 11.02 -14.90
N GLN A 357 -16.01 11.32 -14.62
CA GLN A 357 -16.45 12.70 -14.48
C GLN A 357 -15.87 13.38 -13.25
N VAL A 358 -15.79 12.63 -12.15
CA VAL A 358 -15.22 13.16 -10.91
C VAL A 358 -13.76 13.54 -11.11
N LEU A 359 -13.00 12.66 -11.76
CA LEU A 359 -11.58 12.90 -12.03
C LEU A 359 -11.38 14.04 -13.03
N LYS A 360 -12.24 14.09 -14.05
CA LYS A 360 -12.20 15.15 -15.06
C LYS A 360 -12.42 16.51 -14.40
N THR A 361 -13.51 16.60 -13.62
CA THR A 361 -13.85 17.83 -12.91
C THR A 361 -12.73 18.26 -11.97
N GLU A 362 -12.18 17.31 -11.24
CA GLU A 362 -11.12 17.60 -10.26
C GLU A 362 -9.85 18.13 -10.92
N GLU A 363 -9.45 17.52 -12.03
CA GLU A 363 -8.25 17.95 -12.75
C GLU A 363 -8.44 19.34 -13.36
N GLU A 364 -9.60 19.57 -13.96
CA GLU A 364 -9.91 20.86 -14.57
C GLU A 364 -9.90 21.98 -13.53
N GLN A 365 -10.39 21.67 -12.34
CA GLN A 365 -10.39 22.62 -11.23
C GLN A 365 -8.97 22.99 -10.81
N PHE A 366 -8.11 21.98 -10.70
CA PHE A 366 -6.74 22.18 -10.27
C PHE A 366 -5.88 22.81 -11.37
N ALA A 367 -6.27 22.59 -12.62
CA ALA A 367 -5.54 23.10 -13.77
C ALA A 367 -5.60 24.63 -13.86
N ARG A 368 -6.58 25.23 -13.19
CA ARG A 368 -6.73 26.68 -13.17
C ARG A 368 -5.49 27.36 -12.59
N THR A 369 -4.90 26.74 -11.56
CA THR A 369 -3.83 27.36 -10.80
C THR A 369 -2.50 26.60 -10.87
N LEU A 370 -2.53 25.38 -11.39
CA LEU A 370 -1.35 24.50 -11.39
C LEU A 370 -0.09 25.16 -11.92
N GLU A 371 -0.13 25.58 -13.20
CA GLU A 371 1.06 26.11 -13.85
C GLU A 371 1.55 27.43 -13.27
N ARG A 372 0.62 28.30 -12.90
CA ARG A 372 0.98 29.56 -12.26
C ARG A 372 1.55 29.30 -10.87
N GLY A 373 1.07 28.22 -10.24
CA GLY A 373 1.58 27.79 -8.94
C GLY A 373 2.97 27.21 -9.07
N LEU A 374 3.21 26.45 -10.14
CA LEU A 374 4.52 25.87 -10.39
C LEU A 374 5.54 26.95 -10.73
N ALA A 375 5.08 28.02 -11.38
CA ALA A 375 5.94 29.15 -11.72
C ALA A 375 6.36 29.90 -10.47
N LEU A 376 5.42 30.06 -9.54
CA LEU A 376 5.71 30.72 -8.26
C LEU A 376 6.71 29.92 -7.44
N LEU A 377 6.51 28.60 -7.40
CA LEU A 377 7.42 27.72 -6.66
C LEU A 377 8.83 27.80 -7.25
N ASP A 378 8.92 27.87 -8.56
CA ASP A 378 10.22 27.95 -9.25
C ASP A 378 10.95 29.25 -8.96
N GLU A 379 10.23 30.36 -8.85
CA GLU A 379 10.86 31.64 -8.56
C GLU A 379 11.23 31.77 -7.09
N GLU A 380 10.53 31.03 -6.23
CA GLU A 380 10.84 31.03 -4.81
C GLU A 380 12.04 30.12 -4.51
N LEU A 381 12.18 29.06 -5.30
CA LEU A 381 13.31 28.15 -5.17
C LEU A 381 14.59 28.77 -5.71
N ALA A 382 14.44 29.65 -6.69
CA ALA A 382 15.57 30.30 -7.34
C ALA A 382 16.27 31.29 -6.42
N LYS A 383 15.54 31.77 -5.40
CA LYS A 383 16.08 32.74 -4.46
C LYS A 383 16.15 32.17 -3.04
N LEU A 384 16.06 30.84 -2.94
CA LEU A 384 16.08 30.18 -1.64
C LEU A 384 17.51 29.88 -1.19
N SER A 385 17.89 30.51 -0.08
CA SER A 385 19.18 30.21 0.55
C SER A 385 18.96 29.17 1.65
N GLY A 386 19.62 28.03 1.50
CA GLY A 386 19.42 26.91 2.41
C GLY A 386 18.82 25.72 1.70
N ASP A 387 18.35 24.75 2.46
CA ASP A 387 17.83 23.51 1.88
C ASP A 387 16.35 23.30 2.17
N THR A 388 15.69 24.34 2.69
CA THR A 388 14.30 24.21 3.11
C THR A 388 13.43 25.37 2.65
N LEU A 389 12.36 25.04 1.93
CA LEU A 389 11.36 26.03 1.56
C LEU A 389 10.57 26.42 2.82
N ASP A 390 10.36 27.72 3.00
CA ASP A 390 9.68 28.20 4.21
C ASP A 390 8.18 27.91 4.18
N GLY A 391 7.56 27.94 5.36
CA GLY A 391 6.15 27.62 5.51
C GLY A 391 5.20 28.59 4.83
N GLU A 392 5.59 29.86 4.78
CA GLU A 392 4.77 30.89 4.13
C GLU A 392 4.53 30.57 2.66
N THR A 393 5.60 30.19 1.96
CA THR A 393 5.52 29.86 0.55
C THR A 393 4.62 28.64 0.32
N ALA A 394 4.80 27.62 1.17
CA ALA A 394 4.00 26.41 1.08
C ALA A 394 2.54 26.70 1.39
N PHE A 395 2.30 27.60 2.34
CA PHE A 395 0.95 28.02 2.68
C PHE A 395 0.32 28.80 1.53
N ARG A 396 1.12 29.64 0.89
CA ARG A 396 0.67 30.43 -0.25
C ARG A 396 0.26 29.53 -1.42
N LEU A 397 1.09 28.54 -1.73
CA LEU A 397 0.79 27.60 -2.79
C LEU A 397 -0.48 26.81 -2.47
N TYR A 398 -0.73 26.60 -1.19
CA TYR A 398 -1.94 25.92 -0.75
C TYR A 398 -3.16 26.84 -0.79
N ASP A 399 -3.04 27.99 -0.15
CA ASP A 399 -4.16 28.91 0.02
C ASP A 399 -4.67 29.46 -1.31
N THR A 400 -3.75 29.80 -2.20
CA THR A 400 -4.11 30.41 -3.47
C THR A 400 -4.23 29.38 -4.60
N TYR A 401 -3.28 28.46 -4.67
CA TYR A 401 -3.19 27.56 -5.82
C TYR A 401 -3.67 26.13 -5.55
N GLY A 402 -4.01 25.85 -4.29
CA GLY A 402 -4.55 24.54 -3.94
C GLY A 402 -3.52 23.43 -3.91
N PHE A 403 -2.26 23.79 -3.70
CA PHE A 403 -1.17 22.83 -3.58
C PHE A 403 -1.15 22.23 -2.19
N PRO A 404 -1.47 20.94 -2.05
CA PRO A 404 -1.28 20.29 -0.77
C PRO A 404 0.20 20.36 -0.38
N VAL A 405 0.49 20.44 0.91
CA VAL A 405 1.87 20.60 1.38
C VAL A 405 2.77 19.46 0.90
N ASP A 406 2.22 18.25 0.83
CA ASP A 406 2.98 17.09 0.39
C ASP A 406 3.24 17.12 -1.12
N LEU A 407 2.36 17.80 -1.85
CA LEU A 407 2.56 17.98 -3.29
C LEU A 407 3.70 18.96 -3.52
N THR A 408 3.69 20.05 -2.76
CA THR A 408 4.79 21.02 -2.81
C THR A 408 6.10 20.36 -2.42
N ALA A 409 6.04 19.52 -1.38
CA ALA A 409 7.21 18.79 -0.91
C ALA A 409 7.70 17.77 -1.94
N ASP A 410 6.76 17.22 -2.71
CA ASP A 410 7.10 16.25 -3.74
C ASP A 410 7.94 16.89 -4.84
N VAL A 411 7.56 18.10 -5.24
CA VAL A 411 8.30 18.85 -6.25
C VAL A 411 9.68 19.24 -5.74
N CYS A 412 9.73 19.76 -4.52
CA CYS A 412 10.99 20.19 -3.92
C CYS A 412 11.95 19.04 -3.67
N ARG A 413 11.40 17.86 -3.37
CA ARG A 413 12.20 16.67 -3.13
C ARG A 413 13.03 16.30 -4.36
N GLU A 414 12.45 16.52 -5.53
CA GLU A 414 13.10 16.19 -6.80
C GLU A 414 14.30 17.10 -7.08
N ARG A 415 14.46 18.13 -6.26
CA ARG A 415 15.57 19.07 -6.40
C ARG A 415 16.37 19.16 -5.11
N ASN A 416 16.19 18.17 -4.24
CA ASN A 416 16.91 18.08 -2.97
C ASN A 416 16.59 19.23 -2.02
N ILE A 417 15.38 19.75 -2.11
CA ILE A 417 14.91 20.81 -1.22
C ILE A 417 13.84 20.28 -0.29
N LYS A 418 13.98 20.60 1.00
CA LYS A 418 13.02 20.16 2.01
C LYS A 418 11.91 21.19 2.17
N VAL A 419 10.87 20.83 2.92
CA VAL A 419 9.77 21.76 3.19
C VAL A 419 9.50 21.87 4.68
N ASP A 420 9.47 23.10 5.18
CA ASP A 420 9.15 23.36 6.58
C ASP A 420 7.67 23.10 6.82
N GLU A 421 7.34 21.83 7.07
CA GLU A 421 5.95 21.41 7.24
C GLU A 421 5.41 21.83 8.60
N ALA A 422 6.30 22.18 9.51
CA ALA A 422 5.89 22.71 10.81
C ALA A 422 5.47 24.17 10.66
N GLY A 423 6.18 24.90 9.81
CA GLY A 423 5.84 26.28 9.50
C GLY A 423 4.59 26.38 8.66
N PHE A 424 4.30 25.32 7.91
CA PHE A 424 3.09 25.25 7.10
C PHE A 424 1.87 25.07 7.97
N GLU A 425 1.93 24.11 8.90
CA GLU A 425 0.83 23.86 9.82
C GLU A 425 0.61 25.03 10.79
N ALA A 426 1.68 25.76 11.08
CA ALA A 426 1.58 26.95 11.90
C ALA A 426 0.82 28.05 11.16
N ALA A 427 1.16 28.23 9.89
CA ALA A 427 0.48 29.20 9.03
C ALA A 427 -0.96 28.77 8.79
N MET A 428 -1.18 27.46 8.79
CA MET A 428 -2.52 26.90 8.63
C MET A 428 -3.38 27.20 9.86
N GLU A 429 -2.81 26.96 11.04
CA GLU A 429 -3.49 27.24 12.30
C GLU A 429 -3.78 28.72 12.49
N GLU A 430 -2.88 29.56 12.01
CA GLU A 430 -3.03 31.00 12.15
C GLU A 430 -4.20 31.51 11.33
N GLN A 431 -4.48 30.84 10.21
CA GLN A 431 -5.62 31.18 9.38
C GLN A 431 -6.92 30.68 10.00
N ARG A 432 -6.85 29.51 10.63
CA ARG A 432 -8.00 28.92 11.30
C ARG A 432 -8.52 29.82 12.41
N ARG A 433 -7.61 30.41 13.17
CA ARG A 433 -8.00 31.25 14.30
CA ARG A 433 -7.98 31.26 14.31
C ARG A 433 -8.40 32.65 13.84
N ARG A 434 -8.00 33.02 12.62
CA ARG A 434 -8.47 34.27 12.02
C ARG A 434 -9.92 34.09 11.63
N ALA A 435 -10.25 32.88 11.18
CA ALA A 435 -11.63 32.54 10.85
C ALA A 435 -12.48 32.46 12.11
N ARG A 436 -11.89 31.93 13.20
CA ARG A 436 -12.58 31.86 14.48
C ARG A 436 -12.79 33.25 15.06
N GLU A 437 -11.77 34.10 14.94
CA GLU A 437 -11.83 35.47 15.43
C GLU A 437 -12.88 36.28 14.67
N ALA A 438 -12.87 36.16 13.34
CA ALA A 438 -13.78 36.91 12.50
C ALA A 438 -15.23 36.41 12.60
N SER A 439 -15.40 35.10 12.47
CA SER A 439 -16.73 34.50 12.46
C SER A 439 -17.41 34.55 13.82
N GLY A 440 -16.63 34.41 14.88
CA GLY A 440 -17.16 34.39 16.24
C GLY A 440 -17.41 32.98 16.73
N PHE A 441 -17.42 32.02 15.81
CA PHE A 441 -17.59 30.61 16.19
C PHE A 441 -16.34 29.80 15.85
C 5AL B . -0.69 -7.60 6.87
N 5AL B . -2.53 -8.51 8.37
O 5AL B . -1.39 -6.73 6.39
P 5AL B . 1.54 -6.44 5.88
N1 5AL B . 2.47 -1.69 -1.71
C2 5AL B . 2.47 -2.94 -2.23
N3 5AL B . 2.41 -4.04 -1.47
C4 5AL B . 2.36 -3.94 -0.11
C5 5AL B . 2.36 -2.64 0.48
C6 5AL B . 2.42 -1.49 -0.39
N6 5AL B . 2.43 -0.23 0.11
N7 5AL B . 2.30 -2.84 1.81
C8 5AL B . 2.27 -4.16 2.03
N9 5AL B . 2.31 -4.84 0.87
CA 5AL B . -1.33 -8.75 7.58
CB 5AL B . -1.18 -10.13 6.94
C1' 5AL B . 2.27 -6.32 0.66
O1A 5AL B . 1.19 -5.06 6.37
C2' 5AL B . 3.52 -7.01 1.12
O2' 5AL B . 4.23 -7.82 0.16
O2A 5AL B . 2.97 -6.90 5.87
C3' 5AL B . 3.26 -7.58 2.43
O3' 5AL B . 4.07 -8.64 2.97
O3A 5AL B . 0.75 -7.52 6.77
C4' 5AL B . 1.79 -7.71 2.48
O4' 5AL B . 1.21 -6.92 1.42
C5' 5AL B . 1.03 -7.89 3.76
O5' 5AL B . 0.94 -6.63 4.40
O3 MDN C . 7.23 -4.84 6.97
P1 MDN C . 8.00 -3.88 6.10
O1 MDN C . 9.50 -4.02 6.23
O2 MDN C . 7.52 -2.46 6.18
C4 MDN C . 7.63 -4.42 4.41
P5 MDN C . 7.94 -3.09 3.22
O6 MDN C . 7.97 -3.76 1.86
O7 MDN C . 6.78 -2.14 3.41
O8 MDN C . 9.28 -2.52 3.62
PG ACP D . 7.24 -3.55 3.97
O1G ACP D . 8.13 -3.82 2.78
O2G ACP D . 6.63 -2.17 3.98
O3G ACP D . 7.85 -3.97 5.28
PB ACP D . 4.72 -4.59 5.17
O1B ACP D . 4.54 -3.15 5.57
O2B ACP D . 5.21 -5.57 6.21
C3B ACP D . 5.82 -4.67 3.74
PA ACP D . 2.26 -5.97 5.58
O1A ACP D . 1.53 -5.02 6.51
O2A ACP D . 2.99 -7.17 6.13
O3A ACP D . 3.27 -5.11 4.67
O5' ACP D . 1.22 -6.48 4.46
C5' ACP D . 1.28 -7.83 3.99
C4' ACP D . 1.79 -7.88 2.55
O4' ACP D . 1.21 -6.83 1.76
C3' ACP D . 3.30 -7.69 2.46
O3' ACP D . 3.95 -8.96 2.44
C2' ACP D . 3.51 -6.96 1.16
O2' ACP D . 3.85 -7.90 0.14
C1' ACP D . 2.17 -6.33 0.83
N9 ACP D . 2.24 -4.85 0.93
C8 ACP D . 2.21 -4.14 2.08
N7 ACP D . 2.29 -2.80 1.84
C5 ACP D . 2.37 -2.64 0.51
C6 ACP D . 2.47 -1.49 -0.41
N6 ACP D . 2.51 -0.21 0.05
N1 ACP D . 2.53 -1.75 -1.74
C2 ACP D . 2.49 -3.00 -2.22
N3 ACP D . 2.39 -4.10 -1.44
C4 ACP D . 2.33 -3.99 -0.09
MG MG E . 5.14 -6.97 7.29
MG MG F . 5.59 -1.31 5.28
MG MG G . 7.63 -6.58 7.76
MG MG H . 8.10 -5.39 6.50
C1 HED I . -0.79 -23.32 -10.86
O1 HED I . 0.15 -24.02 -11.67
C2 HED I . -0.04 -22.30 -10.01
S3 HED I . 0.44 -20.89 -10.98
S4 HED I . 2.20 -21.30 -11.88
C5 HED I . 3.17 -19.81 -11.83
C6 HED I . 3.61 -19.40 -13.24
O6 HED I . 4.27 -18.14 -13.18
C1 BME J . -19.03 -4.74 -2.72
C2 BME J . -20.50 -4.36 -2.55
O1 BME J . -18.22 -3.80 -2.04
S2 BME J . -21.61 -5.44 -3.50
#